data_1QXZ
#
_entry.id   1QXZ
#
_cell.length_a   40.947
_cell.length_b   76.916
_cell.length_c   41.651
_cell.angle_alpha   90.00
_cell.angle_beta   104.79
_cell.angle_gamma   90.00
#
_symmetry.space_group_name_H-M   'P 1 21 1'
#
loop_
_entity.id
_entity.type
_entity.pdbx_description
1 polymer 'methionyl aminopeptidase'
2 non-polymer 'COBALT (II) ION'
3 non-polymer (2S)-2-AMINO-4-(METHYLSULFANYL)-1-(1,3-THIAZOL-2-YL)BUTANE-1,1-DIOL
4 water water
#
_entity_poly.entity_id   1
_entity_poly.type   'polypeptide(L)'
_entity_poly.pdbx_seq_one_letter_code
;MIVKTEEELQALKEIGYICAKVRNTMQAATKPGITTKELDNIAKELFEEYGAISAPIHDENFPGQTCISVNEEVAHGIPS
KRVIREGDLVNIDVSALKNGYYADTGISFVVGESDDPMKQKVCDVATMAFENAIAKVKPGTKLSNIGKAVHNTARQNDLK
VIKNLTGHGVGLSLHEAPAHVLNYFDPKDKTLLTEGMVLAIEPFISSNASFVTEGKNEWAFETSDKSFVAQIEHTVIVTK
DGPILTTKIEEE
;
_entity_poly.pdbx_strand_id   A
#
# COMPACT_ATOMS: atom_id res chain seq x y z
N MET A 1 12.17 -4.13 -9.87
CA MET A 1 13.08 -4.14 -11.04
C MET A 1 14.05 -2.97 -10.95
N ILE A 2 15.11 -3.03 -11.74
CA ILE A 2 15.95 -1.87 -12.02
C ILE A 2 15.59 -1.23 -13.35
N VAL A 3 15.18 0.03 -13.33
CA VAL A 3 14.93 0.78 -14.55
C VAL A 3 16.25 1.10 -15.25
N LYS A 4 16.27 0.79 -16.60
CA LYS A 4 17.49 1.07 -17.35
C LYS A 4 17.21 1.92 -18.59
N THR A 5 15.97 1.95 -19.03
CA THR A 5 15.61 2.69 -20.25
C THR A 5 14.47 3.65 -20.01
N GLU A 6 14.45 4.73 -20.79
CA GLU A 6 13.31 5.63 -20.83
C GLU A 6 12.00 4.85 -20.94
N GLU A 7 11.98 3.82 -21.79
CA GLU A 7 10.73 3.18 -22.18
C GLU A 7 10.15 2.39 -21.00
N GLU A 8 11.04 1.78 -20.23
CA GLU A 8 10.66 1.15 -18.97
C GLU A 8 10.07 2.19 -18.02
N LEU A 9 10.74 3.34 -17.91
CA LEU A 9 10.30 4.42 -17.04
C LEU A 9 8.91 4.88 -17.44
N GLN A 10 8.71 5.06 -18.74
CA GLN A 10 7.42 5.50 -19.22
C GLN A 10 6.34 4.46 -18.89
N ALA A 11 6.64 3.19 -19.08
CA ALA A 11 5.68 2.12 -18.79
C ALA A 11 5.32 2.12 -17.32
N LEU A 12 6.30 2.36 -16.45
CA LEU A 12 6.05 2.37 -15.02
C LEU A 12 5.22 3.58 -14.61
N LYS A 13 5.47 4.73 -15.23
CA LYS A 13 4.71 5.94 -14.92
C LYS A 13 3.26 5.77 -15.40
N GLU A 14 3.08 5.10 -16.53
CA GLU A 14 1.73 4.88 -17.07
C GLU A 14 0.88 4.06 -16.10
N ILE A 15 1.40 2.92 -15.65
CA ILE A 15 0.58 2.04 -14.83
C ILE A 15 0.46 2.64 -13.42
N GLY A 16 1.48 3.37 -12.99
CA GLY A 16 1.40 4.11 -11.74
C GLY A 16 0.28 5.13 -11.78
N TYR A 17 0.18 5.87 -12.87
CA TYR A 17 -0.89 6.84 -12.99
C TYR A 17 -2.25 6.16 -12.87
N ILE A 18 -2.40 5.07 -13.61
CA ILE A 18 -3.66 4.35 -13.66
C ILE A 18 -4.06 3.88 -12.26
N CYS A 19 -3.11 3.31 -11.52
CA CYS A 19 -3.43 2.85 -10.17
C CYS A 19 -3.78 4.01 -9.24
N ALA A 20 -3.07 5.12 -9.37
CA ALA A 20 -3.39 6.31 -8.58
C ALA A 20 -4.78 6.83 -8.90
N LYS A 21 -5.11 6.88 -10.19
CA LYS A 21 -6.41 7.35 -10.63
C LYS A 21 -7.53 6.47 -10.06
N VAL A 22 -7.33 5.16 -10.12
CA VAL A 22 -8.31 4.21 -9.59
C VAL A 22 -8.43 4.39 -8.09
N ARG A 23 -7.29 4.46 -7.40
CA ARG A 23 -7.28 4.63 -5.95
C ARG A 23 -8.04 5.90 -5.55
N ASN A 24 -7.73 7.03 -6.18
CA ASN A 24 -8.43 8.28 -5.89
C ASN A 24 -9.94 8.20 -6.12
N THR A 25 -10.32 7.60 -7.23
CA THR A 25 -11.72 7.51 -7.61
C THR A 25 -12.47 6.64 -6.61
N MET A 26 -11.89 5.50 -6.24
CA MET A 26 -12.51 4.62 -5.25
C MET A 26 -12.65 5.30 -3.88
N GLN A 27 -11.59 5.95 -3.43
CA GLN A 27 -11.63 6.68 -2.17
C GLN A 27 -12.74 7.73 -2.18
N ALA A 28 -12.82 8.49 -3.27
CA ALA A 28 -13.82 9.53 -3.39
C ALA A 28 -15.24 8.97 -3.32
N ALA A 29 -15.41 7.74 -3.78
CA ALA A 29 -16.74 7.13 -3.89
C ALA A 29 -17.11 6.42 -2.58
N THR A 30 -16.19 6.40 -1.62
CA THR A 30 -16.39 5.63 -0.40
C THR A 30 -17.21 6.46 0.59
N LYS A 31 -18.41 5.98 0.88
CA LYS A 31 -19.36 6.70 1.71
C LYS A 31 -20.26 5.68 2.39
N PRO A 32 -20.89 6.05 3.50
CA PRO A 32 -21.84 5.14 4.14
C PRO A 32 -22.86 4.67 3.11
N GLY A 33 -23.10 3.36 3.07
CA GLY A 33 -24.16 2.82 2.25
C GLY A 33 -23.71 2.17 0.94
N ILE A 34 -22.46 2.40 0.55
CA ILE A 34 -21.93 1.68 -0.61
C ILE A 34 -21.29 0.37 -0.17
N THR A 35 -21.40 -0.68 -0.98
CA THR A 35 -20.69 -1.92 -0.67
C THR A 35 -19.29 -1.90 -1.22
N THR A 36 -18.42 -2.71 -0.64
CA THR A 36 -17.05 -2.80 -1.13
C THR A 36 -17.00 -3.42 -2.52
N LYS A 37 -17.96 -4.27 -2.86
CA LYS A 37 -18.05 -4.77 -4.23
C LYS A 37 -18.34 -3.64 -5.21
N GLU A 38 -19.22 -2.72 -4.82
CA GLU A 38 -19.53 -1.59 -5.67
C GLU A 38 -18.29 -0.73 -5.90
N LEU A 39 -17.49 -0.54 -4.86
CA LEU A 39 -16.22 0.16 -5.01
C LEU A 39 -15.30 -0.61 -5.96
N ASP A 40 -15.27 -1.93 -5.82
CA ASP A 40 -14.38 -2.75 -6.65
C ASP A 40 -14.76 -2.61 -8.11
N ASN A 41 -16.05 -2.44 -8.36
CA ASN A 41 -16.55 -2.33 -9.71
C ASN A 41 -16.01 -1.09 -10.41
N ILE A 42 -15.72 -0.05 -9.64
CA ILE A 42 -15.08 1.15 -10.19
C ILE A 42 -13.73 0.79 -10.79
N ALA A 43 -12.94 0.01 -10.05
CA ALA A 43 -11.65 -0.44 -10.57
C ALA A 43 -11.82 -1.30 -11.82
N LYS A 44 -12.82 -2.19 -11.80
CA LYS A 44 -13.08 -3.02 -12.97
C LYS A 44 -13.21 -2.13 -14.20
N GLU A 45 -14.07 -1.12 -14.09
CA GLU A 45 -14.38 -0.28 -15.24
C GLU A 45 -13.19 0.57 -15.65
N LEU A 46 -12.45 1.24 -14.62
CA LEU A 46 -11.30 2.05 -15.02
C LEU A 46 -10.14 1.22 -15.56
N PHE A 47 -9.92 0.02 -15.02
CA PHE A 47 -8.83 -0.82 -15.52
C PHE A 47 -9.11 -1.11 -16.99
N GLU A 48 -10.36 -1.43 -17.30
CA GLU A 48 -10.75 -1.72 -18.68
C GLU A 48 -10.53 -0.49 -19.55
N GLU A 49 -10.94 0.66 -19.05
CA GLU A 49 -10.84 1.91 -19.79
C GLU A 49 -9.40 2.23 -20.14
N TYR A 50 -8.49 1.98 -19.21
CA TYR A 50 -7.08 2.37 -19.38
C TYR A 50 -6.21 1.23 -19.88
N GLY A 51 -6.82 0.10 -20.19
CA GLY A 51 -6.09 -1.04 -20.76
C GLY A 51 -5.12 -1.68 -19.79
N ALA A 52 -5.46 -1.66 -18.51
CA ALA A 52 -4.68 -2.32 -17.49
C ALA A 52 -5.42 -3.55 -16.97
N ILE A 53 -4.73 -4.40 -16.24
CA ILE A 53 -5.39 -5.52 -15.61
C ILE A 53 -5.00 -5.63 -14.15
N SER A 54 -5.94 -6.10 -13.35
CA SER A 54 -5.73 -6.28 -11.91
C SER A 54 -4.54 -7.19 -11.59
N ALA A 55 -3.62 -6.69 -10.77
CA ALA A 55 -2.49 -7.49 -10.34
C ALA A 55 -2.92 -8.59 -9.37
N PRO A 56 -3.80 -8.30 -8.42
CA PRO A 56 -4.30 -9.38 -7.55
C PRO A 56 -4.93 -10.53 -8.32
N ILE A 57 -5.76 -10.27 -9.32
CA ILE A 57 -6.34 -11.35 -10.13
C ILE A 57 -5.27 -12.07 -10.95
N HIS A 58 -4.37 -11.29 -11.54
CA HIS A 58 -3.38 -11.84 -12.45
C HIS A 58 -2.29 -12.64 -11.70
N ASP A 59 -1.67 -12.04 -10.70
CA ASP A 59 -0.50 -12.63 -10.05
C ASP A 59 -0.90 -13.65 -8.97
N GLU A 60 -2.10 -13.51 -8.42
CA GLU A 60 -2.48 -14.28 -7.24
C GLU A 60 -3.86 -14.96 -7.34
N ASN A 61 -4.56 -14.75 -8.45
CA ASN A 61 -5.95 -15.23 -8.59
C ASN A 61 -6.81 -14.80 -7.41
N PHE A 62 -6.60 -13.56 -6.96
CA PHE A 62 -7.42 -12.97 -5.90
C PHE A 62 -8.84 -12.73 -6.40
N PRO A 63 -9.83 -13.03 -5.58
CA PRO A 63 -11.24 -12.87 -5.96
C PRO A 63 -11.71 -11.42 -5.86
N GLY A 64 -11.11 -10.54 -6.66
CA GLY A 64 -11.47 -9.14 -6.64
C GLY A 64 -10.46 -8.33 -7.43
N GLN A 65 -10.89 -7.21 -8.01
CA GLN A 65 -9.98 -6.38 -8.79
C GLN A 65 -8.92 -5.78 -7.87
N THR A 66 -9.37 -5.40 -6.68
CA THR A 66 -8.56 -4.72 -5.68
C THR A 66 -8.77 -5.39 -4.32
N CYS A 67 -7.95 -4.98 -3.35
CA CYS A 67 -8.12 -5.43 -1.97
C CYS A 67 -8.72 -4.28 -1.17
N ILE A 68 -9.83 -4.55 -0.52
CA ILE A 68 -10.50 -3.55 0.30
C ILE A 68 -10.73 -4.13 1.68
N SER A 69 -10.12 -3.48 2.67
CA SER A 69 -10.03 -4.03 4.01
C SER A 69 -10.66 -3.02 4.98
N VAL A 70 -11.60 -3.48 5.80
CA VAL A 70 -12.36 -2.58 6.67
C VAL A 70 -12.24 -2.97 8.16
N ASN A 71 -11.90 -1.98 8.98
CA ASN A 71 -11.92 -2.06 10.44
C ASN A 71 -11.02 -3.16 11.02
N GLU A 72 -11.59 -4.32 11.29
CA GLU A 72 -10.81 -5.43 11.82
C GLU A 72 -9.85 -5.96 10.77
N GLU A 73 -10.17 -5.75 9.49
CA GLU A 73 -9.29 -6.17 8.41
C GLU A 73 -8.26 -5.10 8.09
N VAL A 74 -7.01 -5.54 7.96
CA VAL A 74 -5.87 -4.67 7.73
C VAL A 74 -5.44 -4.68 6.26
N ALA A 75 -5.48 -5.86 5.65
CA ALA A 75 -5.00 -6.06 4.29
C ALA A 75 -5.69 -7.25 3.66
N HIS A 76 -5.69 -7.27 2.33
CA HIS A 76 -6.14 -8.43 1.57
C HIS A 76 -7.64 -8.69 1.73
N GLY A 77 -8.41 -7.68 2.13
CA GLY A 77 -9.85 -7.82 2.23
C GLY A 77 -10.51 -8.09 0.88
N ILE A 78 -11.49 -8.99 0.87
CA ILE A 78 -12.19 -9.35 -0.37
C ILE A 78 -13.41 -8.47 -0.56
N PRO A 79 -13.47 -7.71 -1.66
CA PRO A 79 -14.66 -6.91 -1.91
C PRO A 79 -15.93 -7.79 -1.96
N SER A 80 -17.01 -7.30 -1.38
CA SER A 80 -18.16 -8.14 -1.07
C SER A 80 -19.41 -7.31 -0.83
N LYS A 81 -20.42 -8.03 -0.29
CA LYS A 81 -21.65 -7.28 -0.02
C LYS A 81 -21.56 -6.44 1.26
N ARG A 82 -20.41 -6.47 1.91
CA ARG A 82 -20.17 -5.65 3.09
C ARG A 82 -20.44 -4.18 2.79
N VAL A 83 -21.31 -3.56 3.59
CA VAL A 83 -21.64 -2.15 3.41
C VAL A 83 -20.79 -1.26 4.32
N ILE A 84 -20.27 -0.19 3.73
CA ILE A 84 -19.51 0.82 4.47
C ILE A 84 -20.43 1.59 5.39
N ARG A 85 -19.96 1.84 6.61
CA ARG A 85 -20.71 2.59 7.59
C ARG A 85 -19.92 3.82 8.05
N GLU A 86 -20.62 4.81 8.57
CA GLU A 86 -19.99 5.98 9.18
C GLU A 86 -18.96 5.54 10.20
N GLY A 87 -17.76 6.10 10.10
CA GLY A 87 -16.70 5.84 11.06
C GLY A 87 -15.78 4.69 10.67
N ASP A 88 -16.09 4.02 9.58
CA ASP A 88 -15.26 2.90 9.16
C ASP A 88 -13.83 3.36 8.84
N LEU A 89 -12.87 2.52 9.19
CA LEU A 89 -11.49 2.69 8.76
C LEU A 89 -11.26 1.75 7.58
N VAL A 90 -11.06 2.34 6.41
CA VAL A 90 -11.03 1.59 5.17
C VAL A 90 -9.66 1.68 4.53
N ASN A 91 -9.11 0.53 4.15
CA ASN A 91 -7.93 0.49 3.30
C ASN A 91 -8.29 0.03 1.90
N ILE A 92 -7.89 0.83 0.92
CA ILE A 92 -8.06 0.47 -0.48
C ILE A 92 -6.66 0.31 -1.08
N ASP A 93 -6.38 -0.90 -1.58
CA ASP A 93 -5.08 -1.23 -2.15
C ASP A 93 -5.24 -1.60 -3.62
N VAL A 94 -4.61 -0.82 -4.49
CA VAL A 94 -4.80 -0.96 -5.92
C VAL A 94 -3.46 -1.28 -6.58
N SER A 95 -3.40 -2.43 -7.24
CA SER A 95 -2.18 -2.83 -7.97
C SER A 95 -2.57 -3.44 -9.32
N ALA A 96 -1.75 -3.21 -10.34
CA ALA A 96 -2.13 -3.65 -11.67
C ALA A 96 -0.93 -3.64 -12.59
N LEU A 97 -1.12 -4.20 -13.77
CA LEU A 97 -0.08 -4.24 -14.79
C LEU A 97 -0.62 -3.80 -16.14
N LYS A 98 0.25 -3.20 -16.93
CA LYS A 98 -0.07 -2.83 -18.30
C LYS A 98 1.20 -2.94 -19.13
N ASN A 99 1.11 -3.68 -20.24
CA ASN A 99 2.26 -3.87 -21.12
C ASN A 99 3.44 -4.45 -20.35
N GLY A 100 3.14 -5.26 -19.34
CA GLY A 100 4.16 -6.03 -18.64
C GLY A 100 4.76 -5.36 -17.41
N TYR A 101 4.32 -4.14 -17.15
CA TYR A 101 4.87 -3.35 -16.04
C TYR A 101 3.82 -3.05 -14.98
N TYR A 102 4.28 -2.98 -13.73
CA TYR A 102 3.38 -2.97 -12.58
C TYR A 102 3.49 -1.69 -11.75
N ALA A 103 2.38 -1.36 -11.10
CA ALA A 103 2.37 -0.43 -9.98
C ALA A 103 1.54 -0.97 -8.83
N ASP A 104 1.74 -0.39 -7.65
CA ASP A 104 1.12 -0.87 -6.42
C ASP A 104 0.97 0.29 -5.46
N THR A 105 -0.25 0.57 -5.01
CA THR A 105 -0.48 1.71 -4.15
C THR A 105 -1.70 1.48 -3.29
N GLY A 106 -1.81 2.23 -2.20
CA GLY A 106 -2.86 1.96 -1.23
C GLY A 106 -3.01 3.11 -0.26
N ILE A 107 -4.20 3.26 0.29
CA ILE A 107 -4.45 4.34 1.23
C ILE A 107 -5.49 3.89 2.24
N SER A 108 -5.23 4.19 3.51
CA SER A 108 -6.26 4.08 4.54
C SER A 108 -6.83 5.44 4.88
N PHE A 109 -8.13 5.46 5.16
CA PHE A 109 -8.84 6.68 5.48
C PHE A 109 -10.06 6.36 6.32
N VAL A 110 -10.56 7.38 7.00
CA VAL A 110 -11.77 7.25 7.80
C VAL A 110 -12.97 7.78 7.03
N VAL A 111 -14.05 7.01 7.06
CA VAL A 111 -15.29 7.42 6.42
C VAL A 111 -16.05 8.31 7.38
N GLY A 112 -16.20 9.58 7.03
CA GLY A 112 -16.93 10.51 7.87
C GLY A 112 -16.27 10.62 9.23
N GLU A 113 -17.06 10.48 10.29
CA GLU A 113 -16.57 10.65 11.65
C GLU A 113 -16.72 9.36 12.43
N SER A 114 -15.63 8.95 13.08
CA SER A 114 -15.64 7.88 14.06
C SER A 114 -15.77 8.50 15.44
N ASP A 115 -16.23 7.72 16.41
CA ASP A 115 -16.27 8.20 17.78
C ASP A 115 -14.89 8.13 18.43
N ASP A 116 -13.93 7.54 17.73
CA ASP A 116 -12.60 7.33 18.28
C ASP A 116 -11.56 7.96 17.38
N PRO A 117 -10.97 9.06 17.84
CA PRO A 117 -9.95 9.77 17.07
C PRO A 117 -8.71 8.95 16.71
N MET A 118 -8.50 7.82 17.37
CA MET A 118 -7.38 6.94 17.05
C MET A 118 -7.43 6.44 15.59
N LYS A 119 -8.61 6.30 15.01
CA LYS A 119 -8.68 5.84 13.63
C LYS A 119 -7.98 6.81 12.70
N GLN A 120 -8.29 8.10 12.82
CA GLN A 120 -7.61 9.12 12.04
C GLN A 120 -6.14 9.22 12.41
N LYS A 121 -5.82 9.06 13.70
CA LYS A 121 -4.43 9.17 14.13
C LYS A 121 -3.54 8.19 13.38
N VAL A 122 -3.94 6.93 13.28
CA VAL A 122 -3.06 5.97 12.63
C VAL A 122 -2.93 6.34 11.15
N CYS A 123 -3.97 6.91 10.58
CA CYS A 123 -3.87 7.40 9.20
C CYS A 123 -2.87 8.54 9.10
N ASP A 124 -2.97 9.50 10.00
CA ASP A 124 -2.04 10.62 10.04
C ASP A 124 -0.60 10.12 10.11
N VAL A 125 -0.36 9.18 11.01
CA VAL A 125 1.00 8.72 11.28
C VAL A 125 1.52 7.78 10.17
N ALA A 126 0.65 7.04 9.51
CA ALA A 126 1.08 6.29 8.33
C ALA A 126 1.61 7.22 7.24
N THR A 127 0.91 8.33 7.01
CA THR A 127 1.35 9.32 6.02
C THR A 127 2.73 9.87 6.41
N MET A 128 2.90 10.19 7.68
CA MET A 128 4.18 10.71 8.16
C MET A 128 5.30 9.68 8.00
N ALA A 129 4.98 8.42 8.34
CA ALA A 129 5.94 7.33 8.22
C ALA A 129 6.41 7.16 6.78
N PHE A 130 5.48 7.23 5.84
CA PHE A 130 5.85 7.10 4.44
C PHE A 130 6.78 8.24 4.02
N GLU A 131 6.42 9.46 4.41
CA GLU A 131 7.21 10.64 4.08
C GLU A 131 8.60 10.51 4.66
N ASN A 132 8.68 10.05 5.89
CA ASN A 132 9.95 9.93 6.57
C ASN A 132 10.78 8.83 5.93
N ALA A 133 10.12 7.77 5.51
CA ALA A 133 10.81 6.65 4.86
C ALA A 133 11.47 7.08 3.57
N ILE A 134 10.75 7.82 2.73
CA ILE A 134 11.28 8.16 1.42
C ILE A 134 12.27 9.32 1.49
N ALA A 135 12.32 10.04 2.61
CA ALA A 135 13.33 11.08 2.76
C ALA A 135 14.69 10.40 2.77
N LYS A 136 14.70 9.10 3.08
CA LYS A 136 15.94 8.37 3.27
C LYS A 136 16.40 7.63 2.00
N VAL A 137 15.73 7.88 0.88
CA VAL A 137 15.88 7.01 -0.30
C VAL A 137 16.81 7.63 -1.37
N LYS A 138 17.95 6.99 -1.57
CA LYS A 138 18.86 7.35 -2.65
C LYS A 138 19.78 6.17 -2.95
N PRO A 139 20.41 6.14 -4.11
CA PRO A 139 21.34 5.06 -4.44
C PRO A 139 22.38 4.91 -3.35
N GLY A 140 22.63 3.67 -2.91
CA GLY A 140 23.65 3.41 -1.93
C GLY A 140 23.17 3.38 -0.50
N THR A 141 21.96 3.84 -0.25
CA THR A 141 21.46 3.84 1.12
C THR A 141 20.95 2.46 1.50
N LYS A 142 20.98 2.20 2.80
CA LYS A 142 20.59 0.90 3.33
C LYS A 142 19.07 0.74 3.23
N LEU A 143 18.65 -0.37 2.65
CA LEU A 143 17.24 -0.74 2.65
C LEU A 143 16.65 -0.59 4.05
N SER A 144 17.41 -1.02 5.06
CA SER A 144 16.91 -1.08 6.42
C SER A 144 16.64 0.31 7.00
N ASN A 145 17.18 1.34 6.37
CA ASN A 145 16.89 2.70 6.83
C ASN A 145 15.44 3.10 6.57
N ILE A 146 14.77 2.37 5.69
CA ILE A 146 13.34 2.55 5.48
C ILE A 146 12.54 2.07 6.68
N GLY A 147 12.83 0.86 7.16
CA GLY A 147 12.15 0.33 8.32
C GLY A 147 12.49 1.12 9.57
N LYS A 148 13.74 1.55 9.67
CA LYS A 148 14.17 2.33 10.81
C LYS A 148 13.31 3.60 10.92
N ALA A 149 13.12 4.29 9.79
CA ALA A 149 12.32 5.52 9.76
C ALA A 149 10.87 5.25 10.13
N VAL A 150 10.30 4.19 9.55
CA VAL A 150 8.90 3.85 9.80
C VAL A 150 8.66 3.56 11.28
N HIS A 151 9.50 2.72 11.86
CA HIS A 151 9.34 2.38 13.26
C HIS A 151 9.60 3.57 14.18
N ASN A 152 10.57 4.42 13.82
CA ASN A 152 10.86 5.59 14.63
C ASN A 152 9.64 6.51 14.66
N THR A 153 9.03 6.70 13.50
CA THR A 153 7.84 7.53 13.38
C THR A 153 6.72 6.99 14.25
N ALA A 154 6.52 5.67 14.21
CA ALA A 154 5.51 5.05 15.04
C ALA A 154 5.77 5.33 16.51
N ARG A 155 7.00 5.09 16.95
CA ARG A 155 7.36 5.24 18.35
C ARG A 155 7.17 6.70 18.81
N GLN A 156 7.54 7.63 17.95
CA GLN A 156 7.44 9.06 18.25
C GLN A 156 5.99 9.46 18.52
N ASN A 157 5.06 8.61 18.12
CA ASN A 157 3.64 8.92 18.22
C ASN A 157 2.90 7.91 19.06
N ASP A 158 3.65 7.16 19.87
CA ASP A 158 3.08 6.19 20.78
C ASP A 158 2.27 5.13 20.04
N LEU A 159 2.76 4.74 18.87
CA LEU A 159 2.09 3.72 18.08
C LEU A 159 3.05 2.60 17.73
N LYS A 160 2.52 1.60 17.02
CA LYS A 160 3.26 0.41 16.69
C LYS A 160 3.28 0.21 15.18
N VAL A 161 4.08 -0.73 14.73
CA VAL A 161 4.03 -1.14 13.34
C VAL A 161 3.57 -2.59 13.25
N ILE A 162 3.00 -2.96 12.12
CA ILE A 162 2.75 -4.36 11.82
C ILE A 162 4.03 -4.99 11.30
N LYS A 163 4.66 -5.85 12.09
CA LYS A 163 5.97 -6.36 11.73
C LYS A 163 5.92 -7.39 10.60
N ASN A 164 4.81 -8.12 10.47
CA ASN A 164 4.76 -9.22 9.50
C ASN A 164 4.00 -8.89 8.21
N LEU A 165 3.85 -7.59 7.95
CA LEU A 165 3.54 -7.11 6.62
C LEU A 165 4.70 -6.24 6.14
N THR A 166 5.03 -6.36 4.85
CA THR A 166 6.18 -5.66 4.29
C THR A 166 5.90 -5.08 2.92
N GLY A 167 6.78 -4.16 2.53
CA GLY A 167 6.92 -3.73 1.16
C GLY A 167 7.74 -4.71 0.36
N HIS A 168 8.07 -4.32 -0.86
CA HIS A 168 8.66 -5.26 -1.79
C HIS A 168 9.14 -4.56 -3.03
N GLY A 169 10.10 -5.16 -3.73
CA GLY A 169 10.36 -4.75 -5.09
C GLY A 169 9.11 -4.93 -5.94
N VAL A 170 9.00 -4.13 -6.98
CA VAL A 170 7.87 -4.22 -7.90
C VAL A 170 8.37 -3.77 -9.27
N GLY A 171 7.71 -4.23 -10.33
CA GLY A 171 8.03 -3.71 -11.64
C GLY A 171 7.64 -4.63 -12.79
N LEU A 172 8.28 -5.80 -12.85
CA LEU A 172 7.96 -6.79 -13.87
C LEU A 172 7.05 -7.85 -13.28
N SER A 173 6.78 -7.71 -11.99
CA SER A 173 5.85 -8.56 -11.26
C SER A 173 5.37 -7.78 -10.04
N LEU A 174 4.34 -8.26 -9.37
CA LEU A 174 3.83 -7.55 -8.21
C LEU A 174 4.88 -7.57 -7.11
N HIS A 175 5.47 -8.74 -6.88
CA HIS A 175 6.49 -8.91 -5.84
C HIS A 175 7.79 -9.47 -6.44
N GLU A 176 8.86 -8.68 -6.35
CA GLU A 176 10.21 -9.12 -6.71
C GLU A 176 11.25 -8.47 -5.77
N ALA A 177 12.53 -8.66 -6.04
CA ALA A 177 13.58 -8.18 -5.13
C ALA A 177 13.60 -6.65 -5.07
N PRO A 178 13.85 -6.08 -3.89
CA PRO A 178 14.05 -6.84 -2.64
C PRO A 178 12.77 -7.44 -2.08
N ALA A 179 12.88 -8.66 -1.56
CA ALA A 179 11.70 -9.46 -1.19
C ALA A 179 10.82 -8.77 -0.16
N HIS A 180 11.45 -8.23 0.89
CA HIS A 180 10.73 -7.60 1.98
C HIS A 180 11.35 -6.27 2.38
N VAL A 181 10.53 -5.23 2.31
CA VAL A 181 10.87 -3.95 2.90
C VAL A 181 10.17 -3.85 4.24
N LEU A 182 10.94 -4.00 5.32
CA LEU A 182 10.39 -4.08 6.66
C LEU A 182 9.95 -2.72 7.19
N ASN A 183 9.04 -2.78 8.16
CA ASN A 183 8.56 -1.61 8.88
C ASN A 183 9.33 -1.37 10.16
N TYR A 184 10.44 -2.09 10.32
CA TYR A 184 11.34 -1.89 11.45
C TYR A 184 12.77 -2.19 11.04
N PHE A 185 13.71 -1.93 11.93
CA PHE A 185 15.13 -1.95 11.62
C PHE A 185 15.73 -3.32 11.89
N ASP A 186 16.35 -3.90 10.85
CA ASP A 186 17.15 -5.12 10.98
C ASP A 186 18.63 -4.79 10.88
N PRO A 187 19.31 -4.86 12.01
CA PRO A 187 20.73 -4.47 12.11
C PRO A 187 21.64 -5.26 11.18
N LYS A 188 21.21 -6.44 10.75
CA LYS A 188 22.08 -7.36 10.05
C LYS A 188 21.99 -7.18 8.53
N ASP A 189 21.01 -6.41 8.08
CA ASP A 189 20.74 -6.32 6.65
C ASP A 189 21.64 -5.30 5.98
N LYS A 190 22.43 -5.77 5.03
CA LYS A 190 23.38 -4.90 4.34
C LYS A 190 22.88 -4.53 2.95
N THR A 191 21.66 -4.96 2.62
CA THR A 191 21.11 -4.71 1.29
C THR A 191 20.99 -3.21 1.03
N LEU A 192 21.44 -2.78 -0.14
CA LEU A 192 21.40 -1.36 -0.50
C LEU A 192 20.38 -1.10 -1.60
N LEU A 193 19.84 0.11 -1.60
CA LEU A 193 19.13 0.64 -2.76
C LEU A 193 20.12 1.01 -3.85
N THR A 194 19.71 0.84 -5.10
CA THR A 194 20.54 1.21 -6.22
C THR A 194 19.80 2.12 -7.20
N GLU A 195 20.55 2.82 -8.02
CA GLU A 195 19.98 3.66 -9.05
C GLU A 195 19.02 2.87 -9.93
N GLY A 196 17.77 3.32 -9.99
CA GLY A 196 16.79 2.72 -10.89
C GLY A 196 15.91 1.69 -10.21
N MET A 197 16.22 1.37 -8.95
CA MET A 197 15.45 0.38 -8.22
C MET A 197 14.01 0.85 -7.97
N VAL A 198 13.05 -0.04 -8.19
CA VAL A 198 11.63 0.24 -7.98
C VAL A 198 11.10 -0.56 -6.80
N LEU A 199 10.55 0.16 -5.83
CA LEU A 199 10.09 -0.40 -4.57
C LEU A 199 8.64 0.00 -4.32
N ALA A 200 7.85 -0.93 -3.82
CA ALA A 200 6.64 -0.58 -3.10
C ALA A 200 6.95 -0.42 -1.63
N ILE A 201 6.76 0.79 -1.11
CA ILE A 201 6.94 1.10 0.30
C ILE A 201 5.57 1.31 0.91
N GLU A 202 5.25 0.54 1.95
CA GLU A 202 3.91 0.51 2.50
C GLU A 202 3.91 0.33 4.01
N PRO A 203 4.22 1.39 4.74
CA PRO A 203 4.14 1.34 6.20
C PRO A 203 2.73 0.96 6.64
N PHE A 204 2.64 0.05 7.61
CA PHE A 204 1.41 -0.26 8.32
C PHE A 204 1.57 0.19 9.77
N ILE A 205 0.75 1.15 10.19
CA ILE A 205 0.83 1.73 11.52
C ILE A 205 -0.37 1.31 12.37
N SER A 206 -0.11 0.78 13.55
CA SER A 206 -1.11 0.10 14.37
C SER A 206 -1.31 0.80 15.72
N SER A 207 -2.55 0.85 16.18
CA SER A 207 -2.85 1.39 17.50
C SER A 207 -2.41 0.48 18.65
N ASN A 208 -2.13 -0.79 18.36
CA ASN A 208 -1.75 -1.72 19.43
C ASN A 208 -1.00 -2.96 18.95
N ALA A 209 -1.65 -3.79 18.15
CA ALA A 209 -1.07 -5.05 17.71
C ALA A 209 0.17 -4.81 16.87
N SER A 210 1.16 -5.69 17.00
CA SER A 210 2.40 -5.59 16.24
C SER A 210 2.49 -6.59 15.10
N PHE A 211 1.37 -7.25 14.80
CA PHE A 211 1.32 -8.29 13.77
C PHE A 211 -0.13 -8.55 13.37
N VAL A 212 -0.32 -9.16 12.21
CA VAL A 212 -1.64 -9.62 11.80
C VAL A 212 -1.72 -11.15 11.75
N THR A 213 -2.95 -11.64 11.79
CA THR A 213 -3.22 -13.07 11.68
C THR A 213 -4.26 -13.35 10.60
N GLU A 214 -4.45 -14.62 10.28
CA GLU A 214 -5.49 -15.05 9.37
C GLU A 214 -6.87 -14.62 9.83
N GLY A 215 -7.64 -14.05 8.92
CA GLY A 215 -8.95 -13.49 9.28
C GLY A 215 -10.11 -14.37 8.85
N LYS A 216 -11.22 -13.74 8.46
CA LYS A 216 -12.51 -14.41 8.38
C LYS A 216 -12.59 -15.35 7.17
N ASN A 217 -11.57 -15.29 6.32
CA ASN A 217 -11.50 -16.15 5.15
C ASN A 217 -10.03 -16.41 4.78
N GLU A 218 -9.81 -16.98 3.61
CA GLU A 218 -8.50 -17.48 3.22
C GLU A 218 -7.55 -16.34 2.83
N TRP A 219 -8.08 -15.12 2.73
CA TRP A 219 -7.30 -14.01 2.22
C TRP A 219 -7.03 -12.93 3.26
N ALA A 220 -8.08 -12.47 3.93
CA ALA A 220 -8.00 -11.30 4.81
C ALA A 220 -7.03 -11.48 5.96
N PHE A 221 -6.24 -10.44 6.19
CA PHE A 221 -5.42 -10.32 7.39
C PHE A 221 -6.11 -9.40 8.38
N GLU A 222 -6.18 -9.83 9.63
CA GLU A 222 -6.89 -9.08 10.65
C GLU A 222 -6.05 -8.99 11.91
N THR A 223 -6.51 -8.21 12.89
CA THR A 223 -6.01 -8.37 14.25
C THR A 223 -7.16 -8.81 15.13
N SER A 224 -6.88 -9.78 15.99
CA SER A 224 -7.88 -10.31 16.90
C SER A 224 -8.31 -9.26 17.91
N ASP A 225 -7.41 -8.35 18.27
CA ASP A 225 -7.71 -7.30 19.22
C ASP A 225 -8.37 -6.10 18.55
N LYS A 226 -8.65 -6.23 17.25
CA LYS A 226 -9.32 -5.18 16.48
C LYS A 226 -8.60 -3.84 16.61
N SER A 227 -7.28 -3.89 16.55
CA SER A 227 -6.47 -2.70 16.45
C SER A 227 -6.92 -1.88 15.25
N PHE A 228 -6.70 -0.58 15.33
CA PHE A 228 -6.85 0.28 14.16
C PHE A 228 -5.50 0.37 13.46
N VAL A 229 -5.47 -0.02 12.19
CA VAL A 229 -4.24 -0.03 11.43
C VAL A 229 -4.43 0.74 10.15
N ALA A 230 -3.46 1.57 9.81
CA ALA A 230 -3.49 2.34 8.56
C ALA A 230 -2.26 2.08 7.72
N GLN A 231 -2.49 2.05 6.41
CA GLN A 231 -1.43 1.88 5.43
C GLN A 231 -1.38 3.11 4.53
N ILE A 232 -0.17 3.48 4.13
CA ILE A 232 0.04 4.31 2.93
C ILE A 232 1.05 3.58 2.07
N GLU A 233 0.74 3.38 0.79
CA GLU A 233 1.66 2.70 -0.11
C GLU A 233 1.84 3.47 -1.40
N HIS A 234 3.09 3.57 -1.85
CA HIS A 234 3.38 4.08 -3.19
C HIS A 234 4.45 3.23 -3.84
N THR A 235 4.45 3.28 -5.15
CA THR A 235 5.53 2.72 -5.95
C THR A 235 6.53 3.83 -6.24
N VAL A 236 7.80 3.54 -5.93
CA VAL A 236 8.86 4.53 -5.81
C VAL A 236 10.05 4.07 -6.66
N ILE A 237 10.61 4.98 -7.44
CA ILE A 237 11.84 4.72 -8.15
C ILE A 237 12.99 5.48 -7.51
N VAL A 238 14.07 4.76 -7.20
CA VAL A 238 15.24 5.38 -6.59
C VAL A 238 16.10 5.99 -7.69
N THR A 239 16.31 7.31 -7.63
CA THR A 239 17.19 7.98 -8.59
C THR A 239 18.22 8.84 -7.87
N LYS A 240 19.25 9.24 -8.60
CA LYS A 240 20.24 10.15 -8.05
C LYS A 240 19.60 11.46 -7.63
N ASP A 241 18.56 11.85 -8.37
CA ASP A 241 17.92 13.15 -8.20
C ASP A 241 16.83 13.11 -7.13
N GLY A 242 16.61 11.94 -6.54
CA GLY A 242 15.56 11.77 -5.56
C GLY A 242 14.52 10.74 -5.99
N PRO A 243 13.68 10.33 -5.06
CA PRO A 243 12.62 9.35 -5.36
C PRO A 243 11.58 9.90 -6.33
N ILE A 244 11.19 9.06 -7.28
CA ILE A 244 10.06 9.33 -8.15
C ILE A 244 8.93 8.41 -7.74
N LEU A 245 7.77 8.97 -7.43
CA LEU A 245 6.60 8.15 -7.10
C LEU A 245 5.72 8.01 -8.32
N THR A 246 5.57 6.79 -8.85
CA THR A 246 4.76 6.63 -10.04
C THR A 246 3.28 6.69 -9.71
N THR A 247 2.95 6.55 -8.43
CA THR A 247 1.54 6.45 -8.02
C THR A 247 1.08 7.70 -7.25
N LYS A 248 1.87 8.76 -7.31
CA LYS A 248 1.45 10.04 -6.76
C LYS A 248 1.11 10.98 -7.91
N ILE A 249 -0.09 11.56 -7.84
CA ILE A 249 -0.57 12.51 -8.83
C ILE A 249 -0.52 13.91 -8.24
#